data_5YLO
#
_entry.id   5YLO
#
_cell.length_a   124.958
_cell.length_b   124.958
_cell.length_c   111.468
_cell.angle_alpha   90.00
_cell.angle_beta   90.00
_cell.angle_gamma   120.00
#
_symmetry.space_group_name_H-M   'P 63 2 2'
#
loop_
_entity.id
_entity.type
_entity.pdbx_description
1 polymer 'Probable enoyl-CoA hydratase/isomerase'
2 non-polymer GLYCEROL
3 water water
#
_entity_poly.entity_id   1
_entity_poly.type   'polypeptide(L)'
_entity_poly.pdbx_seq_one_letter_code
;MTDLSPLQTRVEAGIAWLVLNRPQQRNALDIPTLEALHVRLDACERDPAVRAVVLGGSGRSFCAGADLAEWAAAEARGEL
ESYGWTEAAHALMGRLHALDKPTVAAVNGSAVGAGMDLALCCDFRIAAASARFKAGYTGMAYCPDAGASWHLPRLLGSEA
AKRLLFLDEAWSAERALGAGLVGEVVADEHLVEAVGAFAARLASGPTFAFAQTKRLLRDGAGRSLAEQLRAEQAAGLLCG
RSEDAAEALRAVAEKRSPQFSGRLEHHHHHH
;
_entity_poly.pdbx_strand_id   A
#
# COMPACT_ATOMS: atom_id res chain seq x y z
N MET A 1 -17.59 11.34 10.20
CA MET A 1 -18.48 10.34 10.79
C MET A 1 -18.74 9.20 9.81
N THR A 2 -18.29 8.00 10.19
CA THR A 2 -18.41 6.79 9.38
C THR A 2 -19.80 6.17 9.32
N ASP A 3 -20.07 5.42 8.26
CA ASP A 3 -21.35 4.76 8.06
C ASP A 3 -21.23 3.24 8.09
N LEU A 4 -20.24 2.73 8.81
CA LEU A 4 -19.93 1.31 8.98
C LEU A 4 -19.40 0.64 7.71
N SER A 5 -19.20 1.39 6.62
CA SER A 5 -18.49 0.83 5.48
C SER A 5 -17.09 0.40 5.93
N PRO A 6 -16.63 -0.78 5.52
CA PRO A 6 -15.27 -1.19 5.88
C PRO A 6 -14.21 -0.26 5.31
N LEU A 7 -14.53 0.45 4.23
CA LEU A 7 -13.59 1.33 3.54
C LEU A 7 -14.32 2.62 3.22
N GLN A 8 -13.85 3.73 3.78
CA GLN A 8 -14.44 5.03 3.51
C GLN A 8 -13.85 5.59 2.22
N THR A 9 -14.72 5.90 1.27
CA THR A 9 -14.30 6.32 -0.06
C THR A 9 -14.87 7.70 -0.37
N ARG A 10 -14.02 8.60 -0.85
CA ARG A 10 -14.47 9.91 -1.31
C ARG A 10 -13.63 10.31 -2.52
N VAL A 11 -14.28 10.94 -3.50
CA VAL A 11 -13.62 11.34 -4.74
C VAL A 11 -13.81 12.85 -4.90
N GLU A 12 -12.70 13.59 -4.86
CA GLU A 12 -12.71 15.05 -4.93
C GLU A 12 -11.70 15.50 -5.98
N ALA A 13 -12.19 16.20 -7.01
CA ALA A 13 -11.34 16.86 -8.01
C ALA A 13 -10.41 15.87 -8.70
N GLY A 14 -10.93 14.70 -9.04
CA GLY A 14 -10.14 13.69 -9.72
C GLY A 14 -9.25 12.86 -8.82
N ILE A 15 -9.35 13.01 -7.50
CA ILE A 15 -8.57 12.25 -6.54
C ILE A 15 -9.53 11.37 -5.76
N ALA A 16 -9.33 10.05 -5.86
CA ALA A 16 -10.13 9.08 -5.11
C ALA A 16 -9.39 8.73 -3.82
N TRP A 17 -10.00 9.07 -2.69
CA TRP A 17 -9.42 8.79 -1.38
C TRP A 17 -10.02 7.48 -0.86
N LEU A 18 -9.16 6.48 -0.66
CA LEU A 18 -9.54 5.19 -0.12
C LEU A 18 -8.89 5.06 1.25
N VAL A 19 -9.68 5.17 2.31
CA VAL A 19 -9.18 5.15 3.67
C VAL A 19 -9.65 3.87 4.34
N LEU A 20 -8.71 3.07 4.83
CA LEU A 20 -9.05 1.98 5.74
C LEU A 20 -9.78 2.55 6.94
N ASN A 21 -10.88 1.92 7.34
CA ASN A 21 -11.74 2.47 8.39
C ASN A 21 -12.11 1.38 9.39
N ARG A 22 -11.10 0.87 10.09
CA ARG A 22 -11.29 0.09 11.31
C ARG A 22 -10.30 0.59 12.34
N PRO A 23 -10.47 1.84 12.80
CA PRO A 23 -9.44 2.44 13.66
C PRO A 23 -9.29 1.72 14.99
N GLN A 24 -10.35 1.09 15.50
CA GLN A 24 -10.25 0.36 16.75
C GLN A 24 -9.30 -0.82 16.63
N GLN A 25 -9.28 -1.46 15.46
CA GLN A 25 -8.38 -2.58 15.20
C GLN A 25 -7.07 -2.14 14.57
N ARG A 26 -6.74 -0.84 14.66
CA ARG A 26 -5.60 -0.25 13.95
C ARG A 26 -5.66 -0.57 12.46
N ASN A 27 -6.88 -0.61 11.91
CA ASN A 27 -7.11 -0.86 10.49
C ASN A 27 -6.54 -2.22 10.06
N ALA A 28 -6.70 -3.22 10.92
CA ALA A 28 -6.22 -4.56 10.61
C ALA A 28 -6.91 -5.11 9.37
N LEU A 29 -6.15 -5.80 8.54
CA LEU A 29 -6.65 -6.32 7.28
C LEU A 29 -7.43 -7.62 7.50
N ASP A 30 -8.70 -7.64 7.11
CA ASP A 30 -9.49 -8.84 7.08
C ASP A 30 -10.11 -8.98 5.71
N ILE A 31 -10.75 -10.13 5.46
CA ILE A 31 -11.33 -10.39 4.14
C ILE A 31 -12.30 -9.30 3.72
N PRO A 32 -13.21 -8.80 4.59
CA PRO A 32 -14.08 -7.70 4.13
C PRO A 32 -13.31 -6.47 3.68
N THR A 33 -12.26 -6.08 4.41
CA THR A 33 -11.45 -4.94 4.00
C THR A 33 -10.70 -5.24 2.70
N LEU A 34 -10.06 -6.41 2.64
CA LEU A 34 -9.34 -6.80 1.43
C LEU A 34 -10.25 -6.74 0.21
N GLU A 35 -11.42 -7.37 0.29
CA GLU A 35 -12.33 -7.42 -0.86
C GLU A 35 -12.87 -6.05 -1.22
N ALA A 36 -13.22 -5.24 -0.21
CA ALA A 36 -13.80 -3.93 -0.49
C ALA A 36 -12.82 -3.03 -1.24
N LEU A 37 -11.61 -2.88 -0.70
CA LEU A 37 -10.56 -2.14 -1.40
C LEU A 37 -10.27 -2.80 -2.74
N HIS A 38 -10.35 -4.11 -2.81
CA HIS A 38 -10.10 -4.78 -4.08
C HIS A 38 -11.13 -4.39 -5.13
N VAL A 39 -12.40 -4.29 -4.75
CA VAL A 39 -13.40 -3.94 -5.76
C VAL A 39 -13.38 -2.45 -6.05
N ARG A 40 -13.13 -1.61 -5.03
CA ARG A 40 -13.09 -0.17 -5.25
C ARG A 40 -11.93 0.23 -6.14
N LEU A 41 -10.80 -0.47 -6.03
CA LEU A 41 -9.67 -0.20 -6.90
C LEU A 41 -10.03 -0.45 -8.36
N ASP A 42 -10.76 -1.53 -8.63
CA ASP A 42 -11.18 -1.82 -10.00
C ASP A 42 -12.10 -0.73 -10.52
N ALA A 43 -12.94 -0.15 -9.65
CA ALA A 43 -13.79 0.95 -10.06
C ALA A 43 -12.98 2.19 -10.40
N CYS A 44 -11.87 2.41 -9.68
CA CYS A 44 -11.05 3.60 -9.95
C CYS A 44 -10.38 3.52 -11.31
N GLU A 45 -9.89 2.33 -11.70
CA GLU A 45 -9.28 2.18 -13.01
C GLU A 45 -10.26 2.52 -14.12
N ARG A 46 -11.50 2.03 -14.01
CA ARG A 46 -12.48 2.26 -15.07
C ARG A 46 -13.01 3.68 -15.07
N ASP A 47 -13.03 4.34 -13.92
CA ASP A 47 -13.66 5.65 -13.79
C ASP A 47 -12.81 6.73 -14.45
N PRO A 48 -13.33 7.48 -15.41
CA PRO A 48 -12.56 8.58 -15.99
C PRO A 48 -12.41 9.77 -15.06
N ALA A 49 -13.26 9.88 -14.04
CA ALA A 49 -13.18 11.02 -13.13
C ALA A 49 -11.91 10.99 -12.29
N VAL A 50 -11.57 9.81 -11.76
CA VAL A 50 -10.41 9.68 -10.89
C VAL A 50 -9.15 9.64 -11.74
N ARG A 51 -8.19 10.50 -11.41
CA ARG A 51 -6.91 10.56 -12.08
C ARG A 51 -5.75 10.32 -11.13
N ALA A 52 -6.03 10.17 -9.84
CA ALA A 52 -5.03 9.81 -8.83
C ALA A 52 -5.77 9.15 -7.68
N VAL A 53 -5.09 8.23 -7.00
CA VAL A 53 -5.69 7.44 -5.94
C VAL A 53 -4.83 7.56 -4.69
N VAL A 54 -5.47 7.82 -3.55
CA VAL A 54 -4.81 7.93 -2.26
C VAL A 54 -5.29 6.79 -1.38
N LEU A 55 -4.35 6.11 -0.73
CA LEU A 55 -4.64 5.03 0.21
C LEU A 55 -4.16 5.47 1.59
N GLY A 56 -5.10 5.59 2.53
CA GLY A 56 -4.78 6.08 3.85
C GLY A 56 -5.40 5.22 4.93
N GLY A 57 -4.91 5.43 6.16
CA GLY A 57 -5.47 4.78 7.32
C GLY A 57 -6.27 5.77 8.17
N SER A 58 -7.02 5.21 9.12
CA SER A 58 -7.83 6.00 10.02
C SER A 58 -7.22 6.02 11.41
N GLY A 59 -7.28 7.17 12.06
CA GLY A 59 -6.81 7.26 13.43
C GLY A 59 -5.30 7.30 13.50
N ARG A 60 -4.76 6.57 14.49
CA ARG A 60 -3.34 6.68 14.81
C ARG A 60 -2.48 5.86 13.87
N SER A 61 -3.01 4.77 13.31
CA SER A 61 -2.21 3.80 12.59
C SER A 61 -2.69 3.68 11.14
N PHE A 62 -1.74 3.46 10.23
CA PHE A 62 -2.09 3.20 8.84
C PHE A 62 -2.70 1.80 8.69
N CYS A 63 -1.96 0.79 9.12
CA CYS A 63 -2.47 -0.59 9.07
C CYS A 63 -1.57 -1.53 9.87
N ALA A 64 -2.16 -2.22 10.85
CA ALA A 64 -1.43 -3.14 11.71
C ALA A 64 -1.25 -4.53 11.11
N GLY A 65 -1.73 -4.78 9.89
CA GLY A 65 -1.51 -6.07 9.25
C GLY A 65 -2.73 -6.97 9.23
N ALA A 66 -2.51 -8.28 9.17
CA ALA A 66 -3.62 -9.23 9.11
C ALA A 66 -4.37 -9.25 10.43
N ASP A 67 -5.70 -9.38 10.33
CA ASP A 67 -6.55 -9.42 11.51
C ASP A 67 -6.39 -10.79 12.19
N LEU A 68 -5.71 -10.81 13.33
CA LEU A 68 -5.49 -12.07 14.03
C LEU A 68 -6.78 -12.61 14.63
N ALA A 69 -7.70 -11.73 15.02
CA ALA A 69 -8.97 -12.18 15.59
C ALA A 69 -9.79 -12.97 14.57
N GLU A 70 -9.85 -12.47 13.34
CA GLU A 70 -10.55 -13.19 12.28
C GLU A 70 -9.89 -14.53 12.00
N TRP A 71 -8.55 -14.55 11.96
CA TRP A 71 -7.83 -15.81 11.80
C TRP A 71 -8.07 -16.74 12.96
N ALA A 72 -8.19 -16.20 14.17
CA ALA A 72 -8.42 -17.03 15.35
C ALA A 72 -9.78 -17.73 15.27
N ALA A 73 -10.81 -17.00 14.83
CA ALA A 73 -12.14 -17.60 14.73
C ALA A 73 -12.16 -18.76 13.75
N ALA A 74 -11.49 -18.61 12.61
CA ALA A 74 -11.40 -19.72 11.66
C ALA A 74 -10.52 -20.83 12.22
N GLU A 75 -9.43 -20.49 12.90
CA GLU A 75 -8.54 -21.50 13.47
C GLU A 75 -9.20 -22.21 14.64
N ALA A 76 -9.73 -21.44 15.60
CA ALA A 76 -10.23 -22.03 16.83
C ALA A 76 -11.35 -23.03 16.58
N ARG A 77 -12.26 -22.70 15.66
CA ARG A 77 -13.39 -23.57 15.37
C ARG A 77 -13.70 -23.51 13.88
N GLY A 78 -13.90 -24.68 13.29
CA GLY A 78 -14.42 -24.75 11.93
C GLY A 78 -13.31 -24.86 10.90
N GLU A 79 -13.42 -24.05 9.86
CA GLU A 79 -12.69 -24.25 8.61
C GLU A 79 -11.49 -23.31 8.56
N LEU A 80 -10.35 -23.79 9.03
CA LEU A 80 -9.10 -23.05 8.84
C LEU A 80 -8.56 -23.22 7.43
N GLU A 81 -8.81 -24.37 6.80
CA GLU A 81 -8.35 -24.58 5.44
C GLU A 81 -9.20 -23.78 4.44
N SER A 82 -10.49 -23.64 4.71
CA SER A 82 -11.37 -22.84 3.86
C SER A 82 -11.18 -21.34 4.03
N TYR A 83 -10.46 -20.92 5.06
CA TYR A 83 -10.14 -19.51 5.24
C TYR A 83 -9.34 -19.00 4.04
N GLY A 84 -9.92 -18.03 3.33
CA GLY A 84 -9.30 -17.56 2.10
C GLY A 84 -8.64 -16.20 2.20
N TRP A 85 -7.98 -15.93 3.33
CA TRP A 85 -7.38 -14.62 3.52
C TRP A 85 -6.18 -14.41 2.59
N THR A 86 -5.28 -15.40 2.54
CA THR A 86 -4.10 -15.27 1.68
C THR A 86 -4.51 -15.04 0.23
N GLU A 87 -5.54 -15.75 -0.23
CA GLU A 87 -6.00 -15.59 -1.61
C GLU A 87 -6.53 -14.19 -1.85
N ALA A 88 -7.27 -13.63 -0.88
CA ALA A 88 -7.82 -12.29 -1.05
C ALA A 88 -6.72 -11.23 -0.98
N ALA A 89 -5.71 -11.44 -0.14
CA ALA A 89 -4.64 -10.47 0.00
C ALA A 89 -3.76 -10.42 -1.25
N HIS A 90 -3.39 -11.59 -1.78
CA HIS A 90 -2.50 -11.63 -2.95
C HIS A 90 -3.19 -11.06 -4.19
N ALA A 91 -4.52 -11.25 -4.31
CA ALA A 91 -5.22 -10.62 -5.41
C ALA A 91 -5.23 -9.11 -5.28
N LEU A 92 -5.34 -8.61 -4.05
CA LEU A 92 -5.34 -7.17 -3.81
C LEU A 92 -3.97 -6.55 -4.07
N MET A 93 -2.91 -7.19 -3.57
CA MET A 93 -1.57 -6.66 -3.76
C MET A 93 -1.22 -6.57 -5.24
N GLY A 94 -1.60 -7.59 -6.01
CA GLY A 94 -1.26 -7.59 -7.42
C GLY A 94 -1.92 -6.46 -8.21
N ARG A 95 -3.22 -6.26 -7.97
CA ARG A 95 -3.99 -5.21 -8.64
C ARG A 95 -3.58 -3.79 -8.29
N LEU A 96 -3.32 -3.53 -7.01
CA LEU A 96 -2.87 -2.22 -6.54
C LEU A 96 -1.50 -1.90 -7.13
N HIS A 97 -0.60 -2.89 -7.13
CA HIS A 97 0.75 -2.67 -7.62
C HIS A 97 0.76 -2.33 -9.11
N ALA A 98 -0.14 -2.92 -9.88
CA ALA A 98 -0.22 -2.73 -11.32
C ALA A 98 -1.34 -1.78 -11.74
N LEU A 99 -1.89 -1.01 -10.81
CA LEU A 99 -3.02 -0.14 -11.10
C LEU A 99 -2.63 0.90 -12.15
N ASP A 100 -3.56 1.20 -13.05
CA ASP A 100 -3.28 2.08 -14.19
C ASP A 100 -3.33 3.57 -13.85
N LYS A 101 -3.68 3.91 -12.62
CA LYS A 101 -3.67 5.30 -12.15
C LYS A 101 -2.52 5.52 -11.19
N PRO A 102 -2.02 6.74 -11.07
CA PRO A 102 -0.99 7.01 -10.05
C PRO A 102 -1.58 6.81 -8.65
N THR A 103 -0.85 6.07 -7.83
CA THR A 103 -1.30 5.73 -6.48
C THR A 103 -0.33 6.29 -5.45
N VAL A 104 -0.88 6.86 -4.37
CA VAL A 104 -0.10 7.41 -3.29
C VAL A 104 -0.57 6.79 -1.99
N ALA A 105 0.39 6.40 -1.15
CA ALA A 105 0.10 5.82 0.16
C ALA A 105 0.41 6.86 1.23
N ALA A 106 -0.62 7.24 1.99
CA ALA A 106 -0.49 8.22 3.06
C ALA A 106 -0.31 7.44 4.36
N VAL A 107 0.94 7.23 4.74
CA VAL A 107 1.26 6.46 5.94
C VAL A 107 1.06 7.35 7.17
N ASN A 108 -0.19 7.43 7.64
CA ASN A 108 -0.52 8.29 8.76
C ASN A 108 0.02 7.77 10.08
N GLY A 109 0.27 6.48 10.18
CA GLY A 109 0.75 5.86 11.41
C GLY A 109 1.57 4.63 11.10
N SER A 110 1.63 3.71 12.06
CA SER A 110 2.46 2.53 11.90
C SER A 110 1.88 1.59 10.84
N ALA A 111 2.76 1.01 10.03
CA ALA A 111 2.41 -0.01 9.05
C ALA A 111 3.21 -1.26 9.34
N VAL A 112 2.51 -2.39 9.50
CA VAL A 112 3.13 -3.63 9.97
C VAL A 112 2.76 -4.75 9.01
N GLY A 113 3.76 -5.51 8.58
CA GLY A 113 3.51 -6.74 7.82
C GLY A 113 2.77 -6.46 6.53
N ALA A 114 1.60 -7.11 6.39
CA ALA A 114 0.77 -6.89 5.21
C ALA A 114 0.32 -5.43 5.10
N GLY A 115 0.25 -4.73 6.22
CA GLY A 115 -0.07 -3.31 6.17
C GLY A 115 1.01 -2.50 5.49
N MET A 116 2.27 -2.83 5.77
CA MET A 116 3.37 -2.18 5.06
C MET A 116 3.39 -2.60 3.59
N ASP A 117 3.15 -3.89 3.33
CA ASP A 117 3.11 -4.36 1.93
C ASP A 117 2.05 -3.61 1.13
N LEU A 118 0.96 -3.20 1.76
CA LEU A 118 -0.07 -2.44 1.07
C LEU A 118 0.47 -1.09 0.60
N ALA A 119 1.31 -0.45 1.42
CA ALA A 119 1.89 0.83 1.04
C ALA A 119 2.97 0.65 -0.03
N LEU A 120 3.69 -0.47 -0.01
CA LEU A 120 4.74 -0.71 -0.99
C LEU A 120 4.19 -0.93 -2.39
N CYS A 121 2.93 -1.39 -2.51
CA CYS A 121 2.29 -1.54 -3.80
C CYS A 121 1.89 -0.22 -4.42
N CYS A 122 1.92 0.87 -3.65
CA CYS A 122 1.63 2.18 -4.20
C CYS A 122 2.87 2.76 -4.86
N ASP A 123 2.65 3.70 -5.79
CA ASP A 123 3.76 4.31 -6.50
C ASP A 123 4.56 5.24 -5.59
N PHE A 124 3.87 5.96 -4.71
CA PHE A 124 4.51 6.94 -3.85
C PHE A 124 4.12 6.68 -2.41
N ARG A 125 4.99 7.11 -1.49
CA ARG A 125 4.73 6.97 -0.06
C ARG A 125 5.12 8.27 0.64
N ILE A 126 4.14 8.91 1.26
CA ILE A 126 4.36 10.06 2.13
C ILE A 126 3.95 9.65 3.53
N ALA A 127 4.87 9.79 4.49
CA ALA A 127 4.67 9.29 5.83
C ALA A 127 4.68 10.43 6.84
N ALA A 128 3.85 10.28 7.87
CA ALA A 128 3.91 11.19 9.01
C ALA A 128 5.11 10.83 9.88
N ALA A 129 5.56 11.80 10.67
CA ALA A 129 6.73 11.58 11.52
C ALA A 129 6.48 10.50 12.56
N SER A 130 5.23 10.34 12.99
CA SER A 130 4.89 9.31 13.97
C SER A 130 4.90 7.92 13.38
N ALA A 131 4.89 7.78 12.06
CA ALA A 131 4.77 6.47 11.42
C ALA A 131 5.95 5.57 11.79
N ARG A 132 5.64 4.30 12.02
CA ARG A 132 6.63 3.29 12.35
C ARG A 132 6.42 2.08 11.45
N PHE A 133 7.49 1.37 11.14
CA PHE A 133 7.44 0.30 10.15
C PHE A 133 8.02 -0.99 10.73
N LYS A 134 7.28 -2.08 10.57
CA LYS A 134 7.67 -3.40 11.05
C LYS A 134 7.47 -4.42 9.94
N ALA A 135 8.38 -5.39 9.87
CA ALA A 135 8.31 -6.42 8.85
C ALA A 135 9.02 -7.67 9.34
N GLY A 136 8.53 -8.82 8.90
CA GLY A 136 9.20 -10.07 9.20
C GLY A 136 9.13 -10.38 10.67
N TYR A 137 10.30 -10.52 11.30
CA TYR A 137 10.37 -10.82 12.73
C TYR A 137 9.94 -9.60 13.54
N THR A 138 8.92 -9.77 14.39
CA THR A 138 8.42 -8.70 15.25
C THR A 138 8.94 -8.83 16.69
N GLY A 139 9.38 -10.01 17.09
CA GLY A 139 9.81 -10.23 18.46
C GLY A 139 8.88 -11.24 19.09
N MET A 140 7.59 -11.11 18.75
CA MET A 140 6.56 -12.03 19.22
C MET A 140 5.87 -12.78 18.09
N ALA A 141 6.03 -12.36 16.84
CA ALA A 141 5.41 -13.03 15.71
C ALA A 141 6.25 -12.76 14.46
N TYR A 142 5.89 -13.44 13.37
CA TYR A 142 6.56 -13.30 12.09
C TYR A 142 5.51 -13.07 11.01
N CYS A 143 5.58 -11.91 10.35
CA CYS A 143 4.57 -11.52 9.39
C CYS A 143 4.77 -12.25 8.06
N PRO A 144 3.71 -12.35 7.26
CA PRO A 144 3.87 -12.87 5.89
C PRO A 144 4.92 -12.06 5.13
N ASP A 145 5.85 -12.78 4.51
CA ASP A 145 7.03 -12.17 3.88
C ASP A 145 7.03 -12.29 2.37
N ALA A 146 5.91 -12.68 1.76
CA ALA A 146 5.86 -12.86 0.32
C ALA A 146 6.11 -11.54 -0.40
N GLY A 147 5.24 -10.56 -0.19
CA GLY A 147 5.41 -9.26 -0.82
C GLY A 147 6.57 -8.47 -0.24
N ALA A 148 6.85 -8.62 1.04
CA ALA A 148 7.99 -7.93 1.64
C ALA A 148 9.29 -8.37 0.98
N SER A 149 9.48 -9.67 0.81
CA SER A 149 10.70 -10.19 0.18
C SER A 149 10.80 -9.79 -1.28
N TRP A 150 9.71 -9.33 -1.88
CA TRP A 150 9.76 -8.84 -3.26
C TRP A 150 9.95 -7.34 -3.32
N HIS A 151 9.23 -6.59 -2.47
CA HIS A 151 9.31 -5.14 -2.48
C HIS A 151 10.59 -4.63 -1.82
N LEU A 152 10.87 -5.10 -0.60
CA LEU A 152 11.91 -4.50 0.22
C LEU A 152 13.29 -4.51 -0.44
N PRO A 153 13.77 -5.61 -1.02
CA PRO A 153 15.10 -5.55 -1.66
C PRO A 153 15.14 -4.59 -2.85
N ARG A 154 14.02 -4.40 -3.54
CA ARG A 154 14.00 -3.51 -4.69
C ARG A 154 14.04 -2.04 -4.28
N LEU A 155 13.45 -1.71 -3.12
CA LEU A 155 13.44 -0.34 -2.64
C LEU A 155 14.64 -0.01 -1.76
N LEU A 156 15.15 -0.99 -1.00
CA LEU A 156 16.13 -0.74 0.03
C LEU A 156 17.50 -1.37 -0.23
N GLY A 157 17.62 -2.24 -1.22
CA GLY A 157 18.79 -3.08 -1.35
C GLY A 157 18.69 -4.31 -0.45
N SER A 158 19.50 -5.32 -0.78
CA SER A 158 19.39 -6.62 -0.13
C SER A 158 19.64 -6.51 1.37
N GLU A 159 20.78 -5.91 1.77
CA GLU A 159 21.16 -5.92 3.18
C GLU A 159 20.17 -5.13 4.02
N ALA A 160 19.80 -3.93 3.58
CA ALA A 160 18.86 -3.11 4.34
C ALA A 160 17.52 -3.81 4.49
N ALA A 161 17.07 -4.49 3.44
CA ALA A 161 15.84 -5.27 3.52
C ALA A 161 15.96 -6.42 4.52
N LYS A 162 17.15 -7.00 4.64
CA LYS A 162 17.33 -8.11 5.58
C LYS A 162 17.45 -7.62 7.02
N ARG A 163 17.95 -6.39 7.23
CA ARG A 163 17.93 -5.82 8.57
C ARG A 163 16.51 -5.63 9.07
N LEU A 164 15.63 -5.11 8.20
CA LEU A 164 14.25 -4.86 8.60
C LEU A 164 13.49 -6.16 8.82
N LEU A 165 13.76 -7.17 8.01
CA LEU A 165 13.03 -8.44 8.13
C LEU A 165 13.55 -9.30 9.27
N PHE A 166 14.87 -9.39 9.44
CA PHE A 166 15.43 -10.31 10.41
C PHE A 166 15.50 -9.73 11.82
N LEU A 167 15.71 -8.42 11.95
CA LEU A 167 15.68 -7.79 13.26
C LEU A 167 14.25 -7.43 13.63
N ASP A 168 13.97 -7.45 14.93
CA ASP A 168 12.62 -7.19 15.41
C ASP A 168 12.32 -5.70 15.59
N GLU A 169 13.32 -4.82 15.44
CA GLU A 169 13.09 -3.41 15.72
C GLU A 169 12.29 -2.77 14.59
N ALA A 170 11.46 -1.79 14.97
CA ALA A 170 10.74 -1.01 13.98
C ALA A 170 11.61 0.14 13.49
N TRP A 171 11.31 0.62 12.28
CA TRP A 171 11.99 1.76 11.70
C TRP A 171 11.13 3.01 11.85
N SER A 172 11.78 4.12 12.17
CA SER A 172 11.09 5.40 12.25
C SER A 172 10.87 5.97 10.85
N ALA A 173 10.05 7.01 10.77
CA ALA A 173 9.81 7.67 9.50
C ALA A 173 11.09 8.28 8.95
N GLU A 174 11.95 8.80 9.83
CA GLU A 174 13.23 9.33 9.39
C GLU A 174 14.11 8.22 8.82
N ARG A 175 14.21 7.09 9.51
CA ARG A 175 15.03 5.99 9.01
C ARG A 175 14.45 5.41 7.72
N ALA A 176 13.12 5.28 7.66
CA ALA A 176 12.49 4.82 6.43
C ALA A 176 12.75 5.80 5.28
N LEU A 177 12.73 7.09 5.57
CA LEU A 177 13.03 8.10 4.56
C LEU A 177 14.46 7.97 4.06
N GLY A 178 15.41 7.80 4.98
CA GLY A 178 16.81 7.73 4.59
C GLY A 178 17.17 6.45 3.85
N ALA A 179 16.48 5.35 4.15
CA ALA A 179 16.74 4.08 3.50
C ALA A 179 16.03 3.93 2.17
N GLY A 180 15.13 4.85 1.84
CA GLY A 180 14.35 4.76 0.61
C GLY A 180 13.03 4.06 0.74
N LEU A 181 12.58 3.77 1.97
CA LEU A 181 11.31 3.08 2.16
C LEU A 181 10.14 4.00 1.79
N VAL A 182 10.19 5.25 2.22
CA VAL A 182 9.20 6.24 1.84
C VAL A 182 9.92 7.37 1.11
N GLY A 183 9.17 8.11 0.31
CA GLY A 183 9.77 9.16 -0.50
C GLY A 183 9.75 10.52 0.15
N GLU A 184 8.88 10.70 1.14
CA GLU A 184 8.68 12.02 1.74
C GLU A 184 8.14 11.84 3.15
N VAL A 185 8.55 12.73 4.05
CA VAL A 185 8.12 12.72 5.44
C VAL A 185 7.65 14.12 5.81
N VAL A 186 6.44 14.20 6.37
CA VAL A 186 5.87 15.46 6.82
C VAL A 186 5.34 15.27 8.23
N ALA A 187 5.06 16.39 8.90
CA ALA A 187 4.42 16.35 10.20
C ALA A 187 3.01 15.80 10.08
N ASP A 188 2.57 15.09 11.11
N ASP A 188 2.58 15.08 11.12
CA ASP A 188 1.26 14.43 11.05
CA ASP A 188 1.27 14.44 11.10
C ASP A 188 0.12 15.43 10.94
C ASP A 188 0.15 15.44 10.90
N GLU A 189 0.33 16.66 11.40
CA GLU A 189 -0.70 17.69 11.25
C GLU A 189 -0.87 18.10 9.80
N HIS A 190 0.19 18.02 9.00
CA HIS A 190 0.17 18.46 7.61
C HIS A 190 0.10 17.30 6.62
N LEU A 191 -0.11 16.08 7.09
CA LEU A 191 -0.04 14.93 6.18
C LEU A 191 -1.16 14.95 5.16
N VAL A 192 -2.42 15.09 5.61
CA VAL A 192 -3.54 15.10 4.68
C VAL A 192 -3.39 16.26 3.69
N GLU A 193 -2.93 17.41 4.16
CA GLU A 193 -2.71 18.55 3.27
C GLU A 193 -1.58 18.27 2.29
N ALA A 194 -0.51 17.62 2.75
CA ALA A 194 0.62 17.34 1.88
C ALA A 194 0.24 16.31 0.82
N VAL A 195 -0.50 15.27 1.20
CA VAL A 195 -0.91 14.25 0.25
C VAL A 195 -1.85 14.85 -0.79
N GLY A 196 -2.78 15.69 -0.37
CA GLY A 196 -3.70 16.32 -1.31
C GLY A 196 -2.99 17.16 -2.35
N ALA A 197 -1.99 17.94 -1.92
CA ALA A 197 -1.24 18.75 -2.86
C ALA A 197 -0.44 17.88 -3.82
N PHE A 198 0.18 16.82 -3.32
CA PHE A 198 0.95 15.94 -4.19
C PHE A 198 0.03 15.19 -5.16
N ALA A 199 -1.08 14.65 -4.65
CA ALA A 199 -2.03 13.97 -5.52
C ALA A 199 -2.71 14.93 -6.49
N ALA A 200 -2.74 16.23 -6.18
CA ALA A 200 -3.38 17.18 -7.07
C ALA A 200 -2.57 17.40 -8.34
N ARG A 201 -1.25 17.57 -8.20
CA ARG A 201 -0.42 17.77 -9.38
C ARG A 201 -0.25 16.48 -10.17
N LEU A 202 -0.30 15.33 -9.50
CA LEU A 202 -0.41 14.06 -10.22
C LEU A 202 -1.71 14.00 -11.00
N ALA A 203 -2.82 14.42 -10.38
CA ALA A 203 -4.11 14.39 -11.06
C ALA A 203 -4.17 15.40 -12.20
N SER A 204 -3.37 16.46 -12.15
CA SER A 204 -3.37 17.45 -13.21
C SER A 204 -2.67 16.98 -14.47
N GLY A 205 -1.78 15.98 -14.36
CA GLY A 205 -1.00 15.53 -15.48
C GLY A 205 -1.78 14.62 -16.40
N PRO A 206 -1.11 14.19 -17.49
CA PRO A 206 -1.76 13.28 -18.44
C PRO A 206 -1.85 11.85 -17.91
N THR A 207 -3.06 11.45 -17.49
CA THR A 207 -3.22 10.14 -16.86
C THR A 207 -2.94 9.01 -17.85
N PHE A 208 -3.30 9.21 -19.12
CA PHE A 208 -3.08 8.16 -20.12
C PHE A 208 -1.60 7.87 -20.30
N ALA A 209 -0.77 8.91 -20.33
CA ALA A 209 0.66 8.71 -20.50
C ALA A 209 1.27 8.04 -19.28
N PHE A 210 0.79 8.39 -18.08
CA PHE A 210 1.28 7.74 -16.87
C PHE A 210 0.99 6.25 -16.89
N ALA A 211 -0.18 5.87 -17.40
CA ALA A 211 -0.55 4.45 -17.45
C ALA A 211 0.40 3.67 -18.33
N GLN A 212 0.68 4.19 -19.53
CA GLN A 212 1.65 3.53 -20.41
C GLN A 212 3.04 3.53 -19.80
N THR A 213 3.43 4.65 -19.20
CA THR A 213 4.74 4.72 -18.55
C THR A 213 4.85 3.75 -17.39
N LYS A 214 3.79 3.64 -16.58
CA LYS A 214 3.82 2.73 -15.44
C LYS A 214 3.94 1.28 -15.90
N ARG A 215 3.29 0.94 -17.03
CA ARG A 215 3.43 -0.41 -17.58
C ARG A 215 4.85 -0.64 -18.12
N LEU A 216 5.47 0.39 -18.69
CA LEU A 216 6.82 0.23 -19.22
C LEU A 216 7.84 0.07 -18.11
N LEU A 217 7.70 0.85 -17.03
CA LEU A 217 8.58 0.70 -15.87
C LEU A 217 8.54 -0.73 -15.35
N ARG A 218 7.33 -1.28 -15.20
CA ARG A 218 7.18 -2.62 -14.64
C ARG A 218 7.70 -3.68 -15.61
N ASP A 219 7.31 -3.60 -16.88
CA ASP A 219 7.78 -4.58 -17.85
C ASP A 219 9.28 -4.47 -18.08
N GLY A 220 9.84 -3.26 -17.99
CA GLY A 220 11.25 -3.05 -18.26
C GLY A 220 12.18 -3.75 -17.30
N ALA A 221 11.71 -4.08 -16.10
CA ALA A 221 12.54 -4.76 -15.11
C ALA A 221 12.95 -6.16 -15.55
N GLY A 222 12.17 -6.80 -16.42
CA GLY A 222 12.45 -8.16 -16.84
C GLY A 222 13.06 -8.32 -18.22
N ARG A 223 13.34 -7.23 -18.92
CA ARG A 223 13.92 -7.31 -20.25
C ARG A 223 15.10 -6.35 -20.37
N SER A 224 15.95 -6.60 -21.36
CA SER A 224 17.12 -5.77 -21.60
C SER A 224 16.68 -4.41 -22.13
N LEU A 225 17.66 -3.51 -22.31
CA LEU A 225 17.35 -2.21 -22.89
C LEU A 225 16.91 -2.37 -24.34
N ALA A 226 17.60 -3.20 -25.11
CA ALA A 226 17.23 -3.39 -26.51
C ALA A 226 15.82 -3.95 -26.64
N GLU A 227 15.47 -4.91 -25.79
CA GLU A 227 14.11 -5.45 -25.79
C GLU A 227 13.10 -4.36 -25.43
N GLN A 228 13.40 -3.59 -24.38
CA GLN A 228 12.51 -2.51 -23.97
C GLN A 228 12.24 -1.54 -25.11
N LEU A 229 13.28 -1.21 -25.88
CA LEU A 229 13.10 -0.29 -27.00
C LEU A 229 12.29 -0.94 -28.12
N ARG A 230 12.50 -2.24 -28.37
CA ARG A 230 11.67 -2.94 -29.34
C ARG A 230 10.20 -2.94 -28.91
N ALA A 231 9.94 -3.16 -27.62
CA ALA A 231 8.57 -3.25 -27.15
C ALA A 231 7.84 -1.92 -27.26
N GLU A 232 8.56 -0.81 -27.09
CA GLU A 232 7.91 0.50 -27.13
C GLU A 232 7.65 0.98 -28.56
N GLN A 233 8.23 0.32 -29.56
CA GLN A 233 7.88 0.56 -30.96
C GLN A 233 6.59 -0.17 -31.34
N ALA A 234 5.68 -0.34 -30.39
CA ALA A 234 4.43 -1.05 -30.62
C ALA A 234 3.46 -0.70 -29.50
N ALA A 235 2.17 -0.92 -29.77
CA ALA A 235 1.13 -0.66 -28.79
C ALA A 235 -0.16 -1.37 -29.17
#